data_1LWY
#
_entry.id   1LWY
#
_cell.length_a   92.032
_cell.length_b   92.032
_cell.length_c   211.310
_cell.angle_alpha   90.00
_cell.angle_beta   90.00
_cell.angle_gamma   120.00
#
_symmetry.space_group_name_H-M   'P 65 2 2'
#
loop_
_entity.id
_entity.type
_entity.pdbx_description
1 polymer "5'-D(*GP*GP*TP*AP*GP*AP*CP*CP*TP*GP*GP*AP*CP*GP*C)-3'"
2 polymer "5'-D(*GP*CP*GP*TP*CP*CP*AP*(PED)P*GP*TP*CP*TP*AP*CP*C)-3'"
3 polymer '8-OXOGUANINE DNA GLYCOSYLASE'
4 water water
#
loop_
_entity_poly.entity_id
_entity_poly.type
_entity_poly.pdbx_seq_one_letter_code
_entity_poly.pdbx_strand_id
1 'polydeoxyribonucleotide' (DG)(DG)(DT)(DA)(DG)(DA)(DC)(DC)(DT)(DG)(DG)(DA)(DC)(DG)(DC) D
2 'polydeoxyribonucleotide' (DG)(DC)(DG)(DT)(DC)(DC)(DA)(PED)(DG)(DT)(DC)(DT)(DA)(DC)(DC) E
3 'polypeptide(L)'
;AMADIGSEGHRTLASTPALWASIPCPRSELRLDLVLPSGQSFRWREQSPAHWSGVLADQVWTLTQTEEQLHCTVYRGDKS
QASRPTPDELEAVRKYFQLDVTLAQLYHHWGSVDSHFQEVAQKFQGVRLLRQDPIECLFSFICSSNNNIARITGMVERLC
QAFGPRLIQLDDVTYHGFPSLQALAGPEVEAHLRKLGLGYRARYVSASARAILEEQGGLAWLQQLRESSYEEAHKALCIL
PGVGTKVADCICLMALDKPQAVPVDVHMWHIAQRDYSWHPTTSQAKGPSPQTNKELGNFFRSLWGPYAGWAQAVLFSADL
RQSR
;
A
#
loop_
_chem_comp.id
_chem_comp.type
_chem_comp.name
_chem_comp.formula
DA DNA linking 2'-DEOXYADENOSINE-5'-MONOPHOSPHATE 'C10 H14 N5 O6 P'
DC DNA linking 2'-DEOXYCYTIDINE-5'-MONOPHOSPHATE 'C9 H14 N3 O7 P'
DG DNA linking 2'-DEOXYGUANOSINE-5'-MONOPHOSPHATE 'C10 H14 N5 O7 P'
DT DNA linking THYMIDINE-5'-MONOPHOSPHATE 'C10 H15 N2 O8 P'
PED non-polymer PENTANE-3,4-DIOL-5-PHOSPHATE 'C5 H13 O6 P'
#
# COMPACT_ATOMS: atom_id res chain seq x y z
P PED B 8 -6.86 -11.21 -3.39
O1P PED B 8 -7.13 -10.38 -2.18
O2P PED B 8 -7.85 -11.24 -4.50
O5' PED B 8 -5.45 -10.79 -4.01
C2' PED B 8 -1.32 -11.30 -2.85
C5' PED B 8 -4.25 -11.10 -3.34
C4' PED B 8 -3.20 -11.53 -4.33
O4' PED B 8 -2.62 -10.37 -4.96
C3' PED B 8 -2.03 -12.32 -3.72
C1' PED B 8 0.05 -11.17 -3.50
O3' PED B 8 -1.20 -12.79 -4.78
N GLY C 6 -20.87 13.26 20.41
CA GLY C 6 -20.39 14.56 19.83
C GLY C 6 -18.88 14.60 19.69
N SER C 7 -18.18 14.78 20.81
CA SER C 7 -16.72 14.82 20.80
C SER C 7 -16.15 13.42 20.99
N GLU C 8 -17.03 12.43 21.02
CA GLU C 8 -16.61 11.05 21.20
C GLU C 8 -16.82 10.28 19.90
N GLY C 9 -16.06 9.20 19.74
CA GLY C 9 -16.20 8.37 18.55
C GLY C 9 -15.53 8.92 17.31
N HIS C 10 -15.64 8.17 16.21
CA HIS C 10 -15.05 8.59 14.95
C HIS C 10 -15.81 9.80 14.43
N ARG C 11 -15.09 10.82 14.00
CA ARG C 11 -15.72 12.03 13.49
C ARG C 11 -16.30 11.85 12.09
N THR C 12 -17.27 12.71 11.77
CA THR C 12 -17.88 12.69 10.45
C THR C 12 -17.84 14.16 10.03
N LEU C 13 -17.76 14.42 8.74
CA LEU C 13 -17.68 15.80 8.26
C LEU C 13 -18.86 16.63 8.73
N ALA C 14 -20.05 16.02 8.77
CA ALA C 14 -21.25 16.72 9.19
C ALA C 14 -21.34 17.01 10.69
N SER C 15 -20.91 16.07 11.53
CA SER C 15 -21.01 16.24 12.98
C SER C 15 -20.07 17.25 13.62
N THR C 16 -18.79 17.20 13.28
CA THR C 16 -17.83 18.13 13.86
C THR C 16 -17.21 19.03 12.80
N PRO C 17 -18.04 19.82 12.10
CA PRO C 17 -17.62 20.75 11.04
C PRO C 17 -16.30 21.47 11.29
N ALA C 18 -16.21 22.17 12.41
CA ALA C 18 -15.01 22.92 12.75
C ALA C 18 -13.76 22.05 12.86
N LEU C 19 -13.97 20.74 12.93
CA LEU C 19 -12.85 19.82 13.03
C LEU C 19 -12.52 19.13 11.72
N TRP C 20 -12.43 19.90 10.64
CA TRP C 20 -12.06 19.37 9.32
C TRP C 20 -11.40 20.43 8.44
N ALA C 21 -10.27 20.06 7.84
CA ALA C 21 -9.55 20.96 6.95
C ALA C 21 -9.57 20.33 5.56
N SER C 22 -9.60 21.17 4.53
CA SER C 22 -9.66 20.68 3.16
C SER C 22 -8.37 20.83 2.37
N ILE C 23 -8.24 19.96 1.37
CA ILE C 23 -7.10 19.96 0.48
C ILE C 23 -7.71 19.86 -0.91
N PRO C 24 -7.43 20.84 -1.78
CA PRO C 24 -7.99 20.79 -3.13
C PRO C 24 -7.62 19.47 -3.77
N CYS C 25 -8.63 18.72 -4.22
CA CYS C 25 -8.38 17.43 -4.83
C CYS C 25 -9.65 16.86 -5.44
N PRO C 26 -9.77 16.90 -6.78
CA PRO C 26 -10.97 16.38 -7.45
C PRO C 26 -10.99 14.86 -7.45
N ARG C 27 -12.18 14.29 -7.47
CA ARG C 27 -12.31 12.84 -7.47
C ARG C 27 -11.55 12.21 -8.63
N SER C 28 -11.31 12.99 -9.69
CA SER C 28 -10.59 12.48 -10.84
C SER C 28 -9.11 12.23 -10.50
N GLU C 29 -8.64 12.86 -9.44
CA GLU C 29 -7.25 12.71 -9.00
C GLU C 29 -7.12 11.72 -7.84
N LEU C 30 -8.22 11.42 -7.17
CA LEU C 30 -8.19 10.48 -6.04
C LEU C 30 -9.57 9.97 -5.66
N ARG C 31 -9.67 8.65 -5.51
CA ARG C 31 -10.91 8.00 -5.09
C ARG C 31 -10.52 7.13 -3.92
N LEU C 32 -10.80 7.59 -2.70
CA LEU C 32 -10.46 6.85 -1.49
C LEU C 32 -10.99 5.42 -1.52
N ASP C 33 -12.24 5.27 -1.92
CA ASP C 33 -12.89 3.96 -1.96
C ASP C 33 -12.20 2.98 -2.90
N LEU C 34 -11.42 3.49 -3.84
CA LEU C 34 -10.71 2.63 -4.78
C LEU C 34 -9.23 2.46 -4.41
N VAL C 35 -8.71 3.36 -3.60
CA VAL C 35 -7.30 3.28 -3.19
C VAL C 35 -7.07 2.61 -1.83
N LEU C 36 -7.75 3.10 -0.79
CA LEU C 36 -7.54 2.58 0.55
C LEU C 36 -7.84 1.11 0.86
N PRO C 37 -8.78 0.46 0.15
CA PRO C 37 -9.04 -0.95 0.46
C PRO C 37 -8.55 -1.92 -0.62
N SER C 38 -7.77 -1.41 -1.57
CA SER C 38 -7.30 -2.22 -2.69
C SER C 38 -5.98 -2.97 -2.59
N GLY C 39 -5.51 -3.22 -1.38
CA GLY C 39 -4.28 -3.97 -1.23
C GLY C 39 -2.98 -3.19 -1.33
N GLN C 40 -3.04 -1.87 -1.15
CA GLN C 40 -1.82 -1.08 -1.17
C GLN C 40 -1.45 -1.00 0.30
N SER C 41 -2.34 -0.40 1.08
CA SER C 41 -2.17 -0.30 2.52
C SER C 41 -3.29 -1.13 3.13
N PHE C 42 -3.02 -1.80 4.25
CA PHE C 42 -4.05 -2.60 4.88
C PHE C 42 -4.56 -1.99 6.18
N ARG C 43 -4.23 -0.73 6.41
CA ARG C 43 -4.60 -0.07 7.66
C ARG C 43 -5.73 0.96 7.67
N TRP C 44 -6.55 0.99 6.63
CA TRP C 44 -7.64 1.97 6.60
C TRP C 44 -9.00 1.27 6.67
N ARG C 45 -9.92 1.85 7.43
CA ARG C 45 -11.25 1.27 7.57
C ARG C 45 -12.31 2.35 7.38
N GLU C 46 -13.38 1.98 6.68
CA GLU C 46 -14.48 2.89 6.44
C GLU C 46 -15.41 2.77 7.64
N GLN C 47 -14.99 3.34 8.78
CA GLN C 47 -15.78 3.25 10.02
C GLN C 47 -17.18 3.85 9.89
N SER C 48 -17.29 4.92 9.11
CA SER C 48 -18.57 5.56 8.83
C SER C 48 -18.63 5.59 7.31
N PRO C 49 -19.84 5.47 6.74
CA PRO C 49 -19.94 5.50 5.28
C PRO C 49 -19.19 6.66 4.63
N ALA C 50 -18.32 6.34 3.69
CA ALA C 50 -17.52 7.33 2.97
C ALA C 50 -16.44 8.04 3.81
N HIS C 51 -16.23 7.55 5.04
CA HIS C 51 -15.23 8.11 5.94
C HIS C 51 -14.22 7.02 6.31
N TRP C 52 -12.97 7.23 5.91
CA TRP C 52 -11.90 6.26 6.17
C TRP C 52 -10.95 6.70 7.28
N SER C 53 -10.74 5.83 8.26
CA SER C 53 -9.85 6.15 9.37
C SER C 53 -8.65 5.18 9.42
N GLY C 54 -7.49 5.73 9.78
CA GLY C 54 -6.28 4.93 9.87
C GLY C 54 -5.12 5.74 10.41
N VAL C 55 -3.94 5.13 10.45
CA VAL C 55 -2.78 5.82 10.96
C VAL C 55 -1.95 6.37 9.81
N LEU C 56 -1.59 7.63 9.92
CA LEU C 56 -0.83 8.30 8.88
C LEU C 56 0.18 9.22 9.56
N ALA C 57 1.45 8.88 9.40
CA ALA C 57 2.53 9.66 10.00
C ALA C 57 2.42 9.68 11.53
N ASP C 58 2.23 8.49 12.11
CA ASP C 58 2.13 8.32 13.55
C ASP C 58 0.94 8.99 14.26
N GLN C 59 -0.08 9.35 13.50
CA GLN C 59 -1.27 9.95 14.10
C GLN C 59 -2.48 9.31 13.43
N VAL C 60 -3.62 9.34 14.13
CA VAL C 60 -4.85 8.78 13.58
C VAL C 60 -5.58 9.86 12.79
N TRP C 61 -6.05 9.51 11.59
CA TRP C 61 -6.80 10.43 10.73
C TRP C 61 -8.08 9.79 10.23
N THR C 62 -9.01 10.65 9.79
CA THR C 62 -10.25 10.21 9.18
C THR C 62 -10.27 11.12 7.95
N LEU C 63 -10.54 10.52 6.79
CA LEU C 63 -10.56 11.25 5.53
C LEU C 63 -11.88 11.02 4.83
N THR C 64 -12.37 12.04 4.14
CA THR C 64 -13.62 11.91 3.41
C THR C 64 -13.50 12.92 2.27
N GLN C 65 -14.24 12.69 1.19
CA GLN C 65 -14.12 13.61 0.09
C GLN C 65 -15.44 14.01 -0.58
N THR C 66 -15.42 15.20 -1.15
CA THR C 66 -16.55 15.73 -1.90
C THR C 66 -16.01 15.78 -3.33
N GLU C 67 -16.85 16.17 -4.28
CA GLU C 67 -16.43 16.21 -5.68
C GLU C 67 -15.09 16.90 -5.93
N GLU C 68 -14.85 18.01 -5.26
CA GLU C 68 -13.60 18.74 -5.48
C GLU C 68 -12.65 18.83 -4.29
N GLN C 69 -13.06 18.28 -3.15
CA GLN C 69 -12.23 18.38 -1.95
C GLN C 69 -11.99 17.09 -1.16
N LEU C 70 -10.79 16.99 -0.58
CA LEU C 70 -10.43 15.87 0.28
C LEU C 70 -10.42 16.49 1.69
N HIS C 71 -11.42 16.13 2.49
CA HIS C 71 -11.53 16.65 3.85
C HIS C 71 -10.75 15.78 4.84
N CYS C 72 -9.93 16.42 5.65
CA CYS C 72 -9.09 15.72 6.62
C CYS C 72 -9.29 16.17 8.07
N THR C 73 -9.22 15.21 8.98
CA THR C 73 -9.34 15.51 10.41
C THR C 73 -8.32 14.64 11.15
N VAL C 74 -7.68 15.19 12.16
CA VAL C 74 -6.66 14.45 12.87
C VAL C 74 -6.92 14.36 14.38
N TYR C 75 -6.56 13.23 14.98
CA TYR C 75 -6.75 13.02 16.43
C TYR C 75 -5.35 12.91 17.05
N ARG C 76 -4.97 13.92 17.83
CA ARG C 76 -3.64 13.93 18.43
C ARG C 76 -3.52 12.90 19.56
N SER C 80 -4.16 17.91 24.73
CA SER C 80 -4.20 18.61 23.45
C SER C 80 -5.64 18.84 23.01
N GLN C 81 -6.10 20.08 23.10
CA GLN C 81 -7.45 20.43 22.69
C GLN C 81 -7.65 20.11 21.22
N ALA C 82 -8.76 19.44 20.91
CA ALA C 82 -9.07 19.08 19.54
C ALA C 82 -9.08 20.34 18.69
N SER C 83 -8.45 20.26 17.52
CA SER C 83 -8.40 21.40 16.62
C SER C 83 -8.23 20.91 15.19
N ARG C 84 -8.15 21.86 14.26
CA ARG C 84 -7.97 21.51 12.87
C ARG C 84 -6.57 21.09 12.52
N PRO C 85 -6.43 20.27 11.48
CA PRO C 85 -5.09 19.84 11.10
C PRO C 85 -4.35 21.11 10.68
N THR C 86 -3.09 21.22 11.04
CA THR C 86 -2.31 22.38 10.66
C THR C 86 -1.86 22.20 9.21
N PRO C 87 -1.42 23.29 8.56
CA PRO C 87 -0.96 23.20 7.17
C PRO C 87 0.15 22.16 7.03
N ASP C 88 1.02 22.07 8.03
CA ASP C 88 2.12 21.12 8.01
C ASP C 88 1.64 19.66 8.08
N GLU C 89 0.59 19.42 8.86
CA GLU C 89 0.02 18.09 9.00
C GLU C 89 -0.69 17.72 7.70
N LEU C 90 -1.42 18.67 7.14
CA LEU C 90 -2.12 18.42 5.88
C LEU C 90 -1.08 18.05 4.82
N GLU C 91 0.11 18.62 4.95
CA GLU C 91 1.17 18.36 4.01
C GLU C 91 1.63 16.92 4.14
N ALA C 92 1.37 16.32 5.30
CA ALA C 92 1.73 14.92 5.53
C ALA C 92 0.77 14.08 4.69
N VAL C 93 -0.48 14.51 4.64
CA VAL C 93 -1.49 13.82 3.86
C VAL C 93 -1.14 13.93 2.37
N ARG C 94 -0.83 15.15 1.92
CA ARG C 94 -0.48 15.34 0.50
C ARG C 94 0.67 14.43 0.06
N LYS C 95 1.68 14.31 0.91
CA LYS C 95 2.83 13.48 0.58
C LYS C 95 2.45 12.00 0.53
N TYR C 96 1.62 11.55 1.47
CA TYR C 96 1.17 10.15 1.55
C TYR C 96 0.44 9.74 0.27
N PHE C 97 -0.40 10.64 -0.25
CA PHE C 97 -1.14 10.36 -1.47
C PHE C 97 -0.38 10.84 -2.72
N GLN C 98 0.86 11.32 -2.52
CA GLN C 98 1.69 11.82 -3.62
C GLN C 98 0.89 12.72 -4.55
N LEU C 99 0.23 13.73 -3.97
CA LEU C 99 -0.62 14.62 -4.74
C LEU C 99 0.06 15.51 -5.78
N ASP C 100 1.39 15.57 -5.78
CA ASP C 100 2.08 16.38 -6.78
C ASP C 100 2.12 15.64 -8.10
N VAL C 101 1.85 14.34 -8.07
CA VAL C 101 1.81 13.56 -9.29
C VAL C 101 0.40 13.72 -9.83
N THR C 102 0.28 14.27 -11.03
CA THR C 102 -1.01 14.50 -11.66
C THR C 102 -1.53 13.23 -12.32
N LEU C 103 -2.53 12.62 -11.70
CA LEU C 103 -3.11 11.39 -12.20
C LEU C 103 -3.70 11.54 -13.61
N ALA C 104 -4.35 12.67 -13.88
CA ALA C 104 -4.94 12.91 -15.19
C ALA C 104 -3.90 12.86 -16.32
N GLN C 105 -2.66 13.23 -16.00
CA GLN C 105 -1.60 13.22 -17.02
C GLN C 105 -1.16 11.77 -17.26
N LEU C 106 -1.07 10.98 -16.20
CA LEU C 106 -0.67 9.59 -16.36
C LEU C 106 -1.76 8.78 -17.09
N TYR C 107 -3.02 8.98 -16.69
CA TYR C 107 -4.13 8.27 -17.31
C TYR C 107 -4.15 8.56 -18.81
N HIS C 108 -3.95 9.82 -19.17
CA HIS C 108 -3.93 10.20 -20.58
C HIS C 108 -2.87 9.40 -21.33
N HIS C 109 -1.64 9.43 -20.81
CA HIS C 109 -0.52 8.71 -21.44
C HIS C 109 -0.78 7.22 -21.58
N TRP C 110 -1.16 6.56 -20.49
CA TRP C 110 -1.39 5.12 -20.56
C TRP C 110 -2.53 4.82 -21.53
N GLY C 111 -3.60 5.58 -21.43
CA GLY C 111 -4.72 5.36 -22.33
C GLY C 111 -4.32 5.60 -23.78
N SER C 112 -3.32 6.45 -24.02
CA SER C 112 -2.86 6.77 -25.37
C SER C 112 -2.08 5.63 -26.01
N VAL C 113 -1.37 4.87 -25.19
CA VAL C 113 -0.57 3.77 -25.69
C VAL C 113 -1.23 2.42 -25.47
N ASP C 114 -2.34 2.40 -24.75
CA ASP C 114 -3.01 1.15 -24.46
C ASP C 114 -4.53 1.32 -24.49
N SER C 115 -5.12 0.92 -25.61
CA SER C 115 -6.56 1.03 -25.81
C SER C 115 -7.39 0.32 -24.73
N HIS C 116 -6.92 -0.82 -24.26
CA HIS C 116 -7.68 -1.50 -23.22
C HIS C 116 -7.69 -0.69 -21.93
N PHE C 117 -6.54 -0.11 -21.60
CA PHE C 117 -6.43 0.67 -20.39
C PHE C 117 -7.42 1.83 -20.45
N GLN C 118 -7.43 2.54 -21.56
CA GLN C 118 -8.33 3.67 -21.73
C GLN C 118 -9.77 3.26 -21.46
N GLU C 119 -10.16 2.12 -21.99
CA GLU C 119 -11.52 1.63 -21.80
C GLU C 119 -11.83 1.43 -20.32
N VAL C 120 -10.91 0.82 -19.59
CA VAL C 120 -11.11 0.57 -18.16
C VAL C 120 -10.98 1.84 -17.32
N ALA C 121 -9.94 2.62 -17.57
CA ALA C 121 -9.67 3.85 -16.84
C ALA C 121 -10.89 4.76 -16.74
N GLN C 122 -11.67 4.82 -17.82
CA GLN C 122 -12.87 5.66 -17.86
C GLN C 122 -13.79 5.42 -16.65
N LYS C 123 -13.88 4.17 -16.20
CA LYS C 123 -14.73 3.81 -15.07
C LYS C 123 -14.01 3.76 -13.72
N PHE C 124 -12.69 3.73 -13.72
CA PHE C 124 -11.95 3.68 -12.46
C PHE C 124 -10.93 4.79 -12.35
N GLN C 125 -11.42 6.01 -12.26
CA GLN C 125 -10.56 7.17 -12.13
C GLN C 125 -10.14 7.32 -10.67
N GLY C 126 -9.09 8.09 -10.45
CA GLY C 126 -8.62 8.35 -9.10
C GLY C 126 -7.84 7.26 -8.41
N VAL C 127 -7.32 6.27 -9.15
CA VAL C 127 -6.53 5.24 -8.52
C VAL C 127 -5.06 5.63 -8.59
N ARG C 128 -4.52 6.07 -7.46
CA ARG C 128 -3.12 6.49 -7.40
C ARG C 128 -2.36 5.63 -6.38
N LEU C 129 -1.04 5.82 -6.30
CA LEU C 129 -0.22 5.05 -5.36
C LEU C 129 0.09 5.82 -4.09
N LEU C 130 -0.06 5.14 -2.96
CA LEU C 130 0.27 5.74 -1.68
C LEU C 130 1.80 5.67 -1.52
N ARG C 131 2.39 6.65 -0.85
CA ARG C 131 3.83 6.62 -0.60
C ARG C 131 3.91 6.11 0.84
N GLN C 132 4.26 4.84 1.00
CA GLN C 132 4.30 4.21 2.31
C GLN C 132 5.65 4.12 3.00
N ASP C 133 5.61 3.90 4.32
CA ASP C 133 6.80 3.75 5.14
C ASP C 133 7.40 2.39 4.78
N PRO C 134 8.73 2.33 4.64
CA PRO C 134 9.43 1.09 4.30
C PRO C 134 9.16 -0.11 5.19
N ILE C 135 9.21 0.10 6.50
CA ILE C 135 9.00 -0.98 7.45
C ILE C 135 7.57 -1.53 7.38
N GLU C 136 6.58 -0.65 7.47
CA GLU C 136 5.19 -1.09 7.43
C GLU C 136 4.91 -1.85 6.12
N CYS C 137 5.37 -1.26 5.02
CA CYS C 137 5.17 -1.87 3.71
C CYS C 137 5.85 -3.22 3.65
N LEU C 138 7.10 -3.26 4.11
CA LEU C 138 7.85 -4.53 4.07
C LEU C 138 7.15 -5.66 4.81
N PHE C 139 6.73 -5.41 6.04
CA PHE C 139 6.08 -6.47 6.80
C PHE C 139 4.62 -6.74 6.43
N SER C 140 3.92 -5.72 5.96
CA SER C 140 2.53 -5.96 5.55
C SER C 140 2.52 -6.88 4.34
N PHE C 141 3.40 -6.66 3.37
CA PHE C 141 3.40 -7.52 2.20
C PHE C 141 4.02 -8.88 2.43
N ILE C 142 4.81 -9.00 3.49
CA ILE C 142 5.37 -10.30 3.84
C ILE C 142 4.17 -11.13 4.28
N CYS C 143 3.18 -10.47 4.89
CA CYS C 143 1.97 -11.15 5.33
C CYS C 143 0.99 -11.42 4.17
N SER C 144 1.25 -10.81 3.01
CA SER C 144 0.35 -10.93 1.86
C SER C 144 0.45 -12.18 0.96
N SER C 145 1.63 -12.79 0.89
CA SER C 145 1.86 -13.94 0.02
C SER C 145 0.90 -15.12 0.18
N ASN C 146 0.37 -15.62 -0.94
CA ASN C 146 -0.53 -16.77 -0.90
C ASN C 146 -1.63 -16.47 0.11
N ASN C 147 -2.31 -15.34 -0.05
CA ASN C 147 -3.32 -14.91 0.90
C ASN C 147 -4.28 -13.89 0.27
N ASN C 148 -5.39 -13.61 0.95
CA ASN C 148 -6.36 -12.64 0.44
C ASN C 148 -6.42 -11.36 1.29
N ILE C 149 -6.65 -10.24 0.63
CA ILE C 149 -6.72 -8.94 1.28
C ILE C 149 -7.48 -8.88 2.59
N ALA C 150 -8.64 -9.54 2.65
CA ALA C 150 -9.44 -9.56 3.87
C ALA C 150 -8.65 -10.17 5.03
N ARG C 151 -8.11 -11.37 4.83
CA ARG C 151 -7.35 -12.05 5.87
C ARG C 151 -6.07 -11.27 6.21
N ILE C 152 -5.38 -10.79 5.18
CA ILE C 152 -4.15 -10.02 5.37
C ILE C 152 -4.44 -8.81 6.25
N THR C 153 -5.58 -8.16 6.00
CA THR C 153 -5.97 -6.97 6.76
C THR C 153 -6.06 -7.25 8.27
N GLY C 154 -6.61 -8.42 8.62
CA GLY C 154 -6.74 -8.80 10.02
C GLY C 154 -5.39 -9.12 10.65
N MET C 155 -4.56 -9.87 9.91
CA MET C 155 -3.22 -10.22 10.38
C MET C 155 -2.44 -8.95 10.74
N VAL C 156 -2.40 -8.00 9.81
CA VAL C 156 -1.69 -6.75 10.02
C VAL C 156 -2.24 -5.99 11.22
N GLU C 157 -3.56 -6.01 11.40
CA GLU C 157 -4.16 -5.32 12.53
C GLU C 157 -3.75 -5.97 13.86
N ARG C 158 -3.82 -7.29 13.94
CA ARG C 158 -3.45 -7.99 15.16
C ARG C 158 -1.96 -7.84 15.47
N LEU C 159 -1.14 -7.82 14.42
CA LEU C 159 0.30 -7.65 14.57
C LEU C 159 0.62 -6.29 15.18
N CYS C 160 -0.08 -5.24 14.73
CA CYS C 160 0.13 -3.89 15.23
C CYS C 160 -0.41 -3.74 16.65
N GLN C 161 -1.52 -4.41 16.91
CA GLN C 161 -2.14 -4.37 18.22
C GLN C 161 -1.17 -4.95 19.26
N ALA C 162 -0.59 -6.10 18.93
CA ALA C 162 0.33 -6.79 19.81
C ALA C 162 1.75 -6.22 19.93
N PHE C 163 2.29 -5.65 18.86
CA PHE C 163 3.66 -5.14 18.92
C PHE C 163 3.86 -3.68 18.60
N GLY C 164 2.77 -2.97 18.27
CA GLY C 164 2.91 -1.58 17.92
C GLY C 164 2.50 -0.60 19.01
N PRO C 165 3.02 0.63 18.97
CA PRO C 165 2.72 1.67 19.95
C PRO C 165 1.23 2.00 19.96
N ARG C 166 0.69 2.15 21.16
CA ARG C 166 -0.72 2.48 21.33
C ARG C 166 -0.88 3.96 21.03
N LEU C 167 -1.79 4.28 20.12
CA LEU C 167 -2.00 5.67 19.77
C LEU C 167 -3.21 6.30 20.45
N ILE C 168 -4.37 6.21 19.79
CA ILE C 168 -5.59 6.80 20.31
C ILE C 168 -6.74 5.82 20.19
N GLN C 169 -7.79 6.02 20.97
CA GLN C 169 -8.96 5.15 20.93
C GLN C 169 -10.20 5.93 20.50
N LEU C 170 -10.90 5.40 19.50
CA LEU C 170 -12.13 6.03 19.00
C LEU C 170 -13.17 4.94 19.08
N ASP C 171 -14.29 5.22 19.77
CA ASP C 171 -15.32 4.20 19.98
C ASP C 171 -14.62 3.01 20.64
N ASP C 172 -14.80 1.80 20.13
CA ASP C 172 -14.15 0.65 20.71
C ASP C 172 -12.91 0.23 19.90
N VAL C 173 -12.39 1.16 19.09
CA VAL C 173 -11.23 0.86 18.28
C VAL C 173 -10.01 1.57 18.83
N THR C 174 -8.98 0.80 19.16
CA THR C 174 -7.74 1.37 19.67
C THR C 174 -6.72 1.31 18.51
N TYR C 175 -6.22 2.45 18.08
CA TYR C 175 -5.26 2.48 16.99
C TYR C 175 -3.83 2.28 17.49
N HIS C 176 -3.04 1.56 16.71
CA HIS C 176 -1.66 1.28 17.04
C HIS C 176 -0.74 1.69 15.90
N GLY C 177 0.44 2.21 16.23
CA GLY C 177 1.37 2.57 15.19
C GLY C 177 1.94 1.25 14.71
N PHE C 178 2.69 1.26 13.61
CA PHE C 178 3.28 0.03 13.12
C PHE C 178 4.50 -0.34 13.98
N PRO C 179 4.68 -1.63 14.28
CA PRO C 179 5.78 -2.16 15.09
C PRO C 179 7.17 -1.81 14.57
N SER C 180 8.11 -1.61 15.48
CA SER C 180 9.48 -1.29 15.11
C SER C 180 10.21 -2.60 14.79
N LEU C 181 11.37 -2.48 14.14
CA LEU C 181 12.18 -3.66 13.81
C LEU C 181 12.56 -4.38 15.11
N GLN C 182 12.95 -3.60 16.12
CA GLN C 182 13.33 -4.16 17.40
C GLN C 182 12.22 -4.99 18.01
N ALA C 183 10.98 -4.50 17.93
CA ALA C 183 9.87 -5.25 18.51
C ALA C 183 9.62 -6.53 17.74
N LEU C 184 9.66 -6.45 16.42
CA LEU C 184 9.42 -7.62 15.59
C LEU C 184 10.58 -8.61 15.69
N ALA C 185 11.75 -8.11 16.06
CA ALA C 185 12.94 -8.95 16.20
C ALA C 185 13.01 -9.54 17.60
N GLY C 186 12.08 -9.15 18.47
CA GLY C 186 12.08 -9.63 19.84
C GLY C 186 11.93 -11.12 20.01
N PRO C 187 12.16 -11.63 21.23
CA PRO C 187 12.04 -13.06 21.54
C PRO C 187 10.62 -13.61 21.57
N GLU C 188 10.45 -14.79 20.98
CA GLU C 188 9.15 -15.46 20.94
C GLU C 188 8.10 -14.72 20.11
N VAL C 189 8.54 -13.81 19.25
CA VAL C 189 7.61 -13.07 18.41
C VAL C 189 6.89 -14.02 17.46
N GLU C 190 7.65 -14.94 16.88
CA GLU C 190 7.09 -15.93 15.96
C GLU C 190 5.92 -16.68 16.57
N ALA C 191 6.16 -17.28 17.73
CA ALA C 191 5.13 -18.04 18.42
C ALA C 191 3.90 -17.18 18.69
N HIS C 192 4.13 -15.92 19.06
CA HIS C 192 3.02 -15.03 19.35
C HIS C 192 2.23 -14.79 18.06
N LEU C 193 2.95 -14.49 16.97
CA LEU C 193 2.32 -14.25 15.68
C LEU C 193 1.53 -15.46 15.19
N ARG C 194 2.00 -16.67 15.49
CA ARG C 194 1.28 -17.87 15.07
C ARG C 194 -0.08 -17.94 15.78
N LYS C 195 -0.08 -17.63 17.08
CA LYS C 195 -1.32 -17.66 17.86
C LYS C 195 -2.25 -16.56 17.33
N LEU C 196 -1.66 -15.61 16.61
CA LEU C 196 -2.45 -14.51 16.03
C LEU C 196 -2.91 -14.86 14.62
N GLY C 197 -2.66 -16.10 14.20
CA GLY C 197 -3.11 -16.55 12.90
C GLY C 197 -2.33 -16.13 11.66
N LEU C 198 -1.05 -15.80 11.80
CA LEU C 198 -0.27 -15.40 10.64
C LEU C 198 0.25 -16.63 9.89
N GLY C 199 0.04 -17.83 10.43
CA GLY C 199 0.52 -19.02 9.77
C GLY C 199 2.03 -19.04 9.65
N TYR C 200 2.54 -19.75 8.65
CA TYR C 200 3.97 -19.86 8.41
C TYR C 200 4.65 -18.51 8.18
N ARG C 201 3.88 -17.49 7.87
CA ARG C 201 4.50 -16.17 7.66
C ARG C 201 5.01 -15.60 8.98
N ALA C 202 4.56 -16.16 10.09
CA ALA C 202 5.00 -15.68 11.41
C ALA C 202 6.52 -15.77 11.47
N ARG C 203 7.06 -16.88 10.98
CA ARG C 203 8.51 -17.09 10.96
C ARG C 203 9.13 -16.04 10.07
N TYR C 204 8.53 -15.81 8.91
CA TYR C 204 9.07 -14.83 7.97
C TYR C 204 9.23 -13.46 8.62
N VAL C 205 8.24 -13.06 9.40
CA VAL C 205 8.29 -11.75 10.05
C VAL C 205 9.46 -11.65 11.04
N SER C 206 9.56 -12.63 11.94
CA SER C 206 10.63 -12.62 12.92
C SER C 206 11.97 -12.74 12.19
N ALA C 207 12.09 -13.78 11.37
CA ALA C 207 13.30 -14.02 10.60
C ALA C 207 13.76 -12.78 9.85
N SER C 208 12.85 -12.11 9.14
CA SER C 208 13.23 -10.91 8.40
C SER C 208 13.61 -9.72 9.29
N ALA C 209 12.93 -9.57 10.43
CA ALA C 209 13.25 -8.47 11.32
C ALA C 209 14.67 -8.65 11.85
N ARG C 210 15.00 -9.88 12.26
CA ARG C 210 16.34 -10.13 12.78
C ARG C 210 17.41 -9.99 11.71
N ALA C 211 17.12 -10.46 10.50
CA ALA C 211 18.07 -10.37 9.41
C ALA C 211 18.44 -8.92 9.10
N ILE C 212 17.44 -8.04 9.14
CA ILE C 212 17.69 -6.64 8.86
C ILE C 212 18.50 -5.95 9.95
N LEU C 213 18.14 -6.23 11.19
CA LEU C 213 18.80 -5.62 12.32
C LEU C 213 20.22 -6.13 12.58
N GLU C 214 20.43 -7.43 12.46
CA GLU C 214 21.75 -7.96 12.73
C GLU C 214 22.55 -8.62 11.58
N GLU C 215 22.21 -8.28 10.34
CA GLU C 215 22.91 -8.83 9.19
C GLU C 215 23.04 -7.83 8.05
N GLN C 216 22.07 -6.93 7.93
CA GLN C 216 22.10 -5.96 6.83
C GLN C 216 22.42 -4.53 7.23
N GLY C 217 22.62 -4.29 8.51
CA GLY C 217 22.94 -2.94 8.95
C GLY C 217 21.76 -2.17 9.52
N GLY C 218 20.64 -2.85 9.72
CA GLY C 218 19.47 -2.20 10.30
C GLY C 218 18.60 -1.35 9.39
N LEU C 219 17.79 -0.50 10.00
CA LEU C 219 16.87 0.38 9.29
C LEU C 219 17.54 1.19 8.19
N ALA C 220 18.76 1.67 8.44
CA ALA C 220 19.50 2.47 7.47
C ALA C 220 19.65 1.75 6.13
N TRP C 221 19.81 0.43 6.18
CA TRP C 221 19.96 -0.38 4.97
C TRP C 221 18.70 -0.28 4.10
N LEU C 222 17.54 -0.36 4.74
CA LEU C 222 16.27 -0.30 4.03
C LEU C 222 15.99 1.07 3.46
N GLN C 223 16.01 2.09 4.32
CA GLN C 223 15.75 3.46 3.92
C GLN C 223 16.70 3.91 2.82
N GLN C 224 17.85 3.26 2.75
CA GLN C 224 18.88 3.57 1.76
C GLN C 224 18.50 3.13 0.36
N LEU C 225 17.74 2.05 0.27
CA LEU C 225 17.30 1.53 -1.03
C LEU C 225 16.46 2.55 -1.79
N ARG C 226 15.96 3.55 -1.07
CA ARG C 226 15.14 4.58 -1.68
C ARG C 226 15.92 5.41 -2.71
N GLU C 227 17.23 5.52 -2.51
CA GLU C 227 18.08 6.27 -3.44
C GLU C 227 18.76 5.33 -4.44
N SER C 228 18.69 4.03 -4.17
CA SER C 228 19.28 3.02 -5.04
C SER C 228 18.38 2.79 -6.26
N SER C 229 18.87 1.98 -7.19
CA SER C 229 18.10 1.69 -8.41
C SER C 229 17.12 0.55 -8.21
N TYR C 230 16.02 0.59 -8.96
CA TYR C 230 15.00 -0.45 -8.89
C TYR C 230 15.64 -1.83 -8.92
N GLU C 231 16.53 -2.06 -9.88
CA GLU C 231 17.18 -3.36 -9.98
C GLU C 231 17.98 -3.69 -8.71
N GLU C 232 18.69 -2.70 -8.20
CA GLU C 232 19.48 -2.87 -6.98
C GLU C 232 18.54 -3.18 -5.83
N ALA C 233 17.61 -2.27 -5.60
CA ALA C 233 16.63 -2.37 -4.53
C ALA C 233 15.88 -3.71 -4.50
N HIS C 234 15.36 -4.13 -5.65
CA HIS C 234 14.62 -5.38 -5.73
C HIS C 234 15.51 -6.57 -5.39
N LYS C 235 16.77 -6.48 -5.78
CA LYS C 235 17.75 -7.54 -5.53
C LYS C 235 17.99 -7.71 -4.03
N ALA C 236 18.29 -6.61 -3.36
CA ALA C 236 18.57 -6.64 -1.93
C ALA C 236 17.40 -7.18 -1.09
N LEU C 237 16.17 -6.80 -1.44
CA LEU C 237 14.99 -7.24 -0.70
C LEU C 237 14.75 -8.75 -0.75
N CYS C 238 15.05 -9.37 -1.89
CA CYS C 238 14.82 -10.80 -2.02
C CYS C 238 15.68 -11.63 -1.05
N ILE C 239 16.65 -10.97 -0.44
CA ILE C 239 17.53 -11.62 0.53
C ILE C 239 16.72 -12.05 1.76
N LEU C 240 15.78 -11.20 2.15
CA LEU C 240 14.92 -11.44 3.31
C LEU C 240 13.98 -12.62 3.19
N PRO C 241 13.79 -13.37 4.29
CA PRO C 241 12.91 -14.53 4.35
C PRO C 241 11.45 -14.12 4.16
N GLY C 242 10.75 -14.82 3.26
CA GLY C 242 9.36 -14.48 3.01
C GLY C 242 9.22 -13.44 1.92
N VAL C 243 10.34 -12.88 1.47
CA VAL C 243 10.29 -11.88 0.42
C VAL C 243 10.74 -12.42 -0.94
N GLY C 244 9.78 -12.78 -1.78
CA GLY C 244 10.07 -13.27 -3.11
C GLY C 244 9.99 -12.13 -4.10
N THR C 245 9.84 -12.43 -5.39
CA THR C 245 9.78 -11.37 -6.41
C THR C 245 8.57 -10.43 -6.32
N LYS C 246 7.39 -10.97 -5.99
CA LYS C 246 6.21 -10.11 -5.88
C LYS C 246 6.31 -9.11 -4.71
N VAL C 247 6.64 -9.62 -3.53
CA VAL C 247 6.75 -8.78 -2.35
C VAL C 247 7.78 -7.68 -2.54
N ALA C 248 8.93 -8.05 -3.11
CA ALA C 248 9.99 -7.08 -3.36
C ALA C 248 9.48 -5.98 -4.28
N ASP C 249 8.73 -6.37 -5.30
CA ASP C 249 8.17 -5.38 -6.23
C ASP C 249 7.18 -4.48 -5.50
N CYS C 250 6.34 -5.07 -4.64
CA CYS C 250 5.37 -4.27 -3.88
C CYS C 250 6.10 -3.21 -3.06
N ILE C 251 7.17 -3.63 -2.39
CA ILE C 251 7.94 -2.68 -1.60
C ILE C 251 8.60 -1.62 -2.48
N CYS C 252 9.20 -2.04 -3.59
CA CYS C 252 9.86 -1.07 -4.49
C CYS C 252 8.86 -0.03 -4.98
N LEU C 253 7.70 -0.50 -5.44
CA LEU C 253 6.66 0.38 -5.98
C LEU C 253 5.99 1.28 -4.95
N MET C 254 5.62 0.70 -3.81
CA MET C 254 4.88 1.42 -2.80
C MET C 254 5.63 2.12 -1.67
N ALA C 255 6.89 1.78 -1.47
CA ALA C 255 7.64 2.39 -0.38
C ALA C 255 9.03 2.94 -0.72
N LEU C 256 9.56 2.56 -1.88
CA LEU C 256 10.89 2.99 -2.28
C LEU C 256 10.95 3.87 -3.55
N ASP C 257 9.81 4.43 -3.93
CA ASP C 257 9.70 5.30 -5.09
C ASP C 257 10.22 4.72 -6.40
N LYS C 258 9.85 3.47 -6.69
CA LYS C 258 10.25 2.81 -7.93
C LYS C 258 8.94 2.61 -8.71
N PRO C 259 8.42 3.69 -9.33
CA PRO C 259 7.16 3.63 -10.08
C PRO C 259 7.06 2.62 -11.23
N GLN C 260 8.20 2.06 -11.66
CA GLN C 260 8.17 1.10 -12.75
C GLN C 260 8.05 -0.33 -12.26
N ALA C 261 8.11 -0.53 -10.94
CA ALA C 261 8.01 -1.88 -10.40
C ALA C 261 6.57 -2.38 -10.55
N VAL C 262 6.44 -3.59 -11.12
CA VAL C 262 5.13 -4.20 -11.35
C VAL C 262 5.02 -5.54 -10.63
N PRO C 263 4.32 -5.57 -9.49
CA PRO C 263 4.16 -6.82 -8.73
C PRO C 263 3.34 -7.82 -9.52
N VAL C 264 3.93 -8.95 -9.90
CA VAL C 264 3.22 -9.96 -10.64
C VAL C 264 2.61 -10.98 -9.69
N ASP C 265 1.29 -11.14 -9.80
CA ASP C 265 0.54 -12.08 -8.97
C ASP C 265 -0.53 -12.75 -9.83
N VAL C 266 -1.48 -13.38 -9.17
CA VAL C 266 -2.56 -14.06 -9.86
C VAL C 266 -3.43 -13.10 -10.66
N HIS C 267 -3.72 -11.93 -10.08
CA HIS C 267 -4.55 -10.94 -10.75
C HIS C 267 -3.93 -10.45 -12.06
N MET C 268 -2.66 -10.07 -12.00
CA MET C 268 -2.00 -9.58 -13.21
C MET C 268 -1.90 -10.67 -14.28
N TRP C 269 -1.78 -11.93 -13.87
CA TRP C 269 -1.70 -13.02 -14.83
C TRP C 269 -3.03 -13.20 -15.56
N HIS C 270 -4.12 -13.13 -14.80
CA HIS C 270 -5.45 -13.27 -15.40
C HIS C 270 -5.67 -12.10 -16.33
N ILE C 271 -5.33 -10.89 -15.85
CA ILE C 271 -5.48 -9.66 -16.63
C ILE C 271 -4.70 -9.74 -17.95
N ALA C 272 -3.45 -10.17 -17.86
CA ALA C 272 -2.59 -10.32 -19.02
C ALA C 272 -3.20 -11.30 -20.03
N GLN C 273 -3.66 -12.44 -19.54
CA GLN C 273 -4.24 -13.46 -20.43
C GLN C 273 -5.60 -13.05 -21.00
N ARG C 274 -6.47 -12.55 -20.15
CA ARG C 274 -7.81 -12.15 -20.58
C ARG C 274 -7.87 -10.87 -21.42
N ASP C 275 -7.11 -9.86 -21.01
CA ASP C 275 -7.19 -8.57 -21.69
C ASP C 275 -6.14 -8.25 -22.75
N TYR C 276 -5.04 -9.01 -22.79
CA TYR C 276 -4.01 -8.74 -23.78
C TYR C 276 -3.60 -10.01 -24.54
N SER C 277 -4.24 -11.13 -24.22
CA SER C 277 -3.92 -12.41 -24.87
C SER C 277 -2.42 -12.68 -24.75
N TRP C 278 -1.85 -12.31 -23.60
CA TRP C 278 -0.43 -12.49 -23.38
C TRP C 278 -0.03 -13.94 -23.13
N HIS C 279 1.17 -14.28 -23.58
CA HIS C 279 1.75 -15.60 -23.40
C HIS C 279 3.26 -15.43 -23.30
N PRO C 280 3.92 -16.22 -22.45
CA PRO C 280 5.38 -16.11 -22.31
C PRO C 280 6.05 -16.45 -23.63
N THR C 281 7.15 -15.77 -23.94
CA THR C 281 7.89 -16.03 -25.18
C THR C 281 9.34 -16.43 -24.90
N THR C 282 10.03 -15.66 -24.07
CA THR C 282 11.43 -15.96 -23.75
C THR C 282 11.53 -17.13 -22.79
N SER C 283 10.39 -17.60 -22.31
CA SER C 283 10.34 -18.72 -21.38
C SER C 283 9.61 -19.91 -21.99
N GLN C 284 9.96 -21.11 -21.53
CA GLN C 284 9.34 -22.33 -22.02
C GLN C 284 8.06 -22.67 -21.27
N ALA C 285 8.04 -22.37 -19.97
CA ALA C 285 6.87 -22.64 -19.13
C ALA C 285 5.69 -21.80 -19.61
N LYS C 286 4.50 -22.39 -19.59
CA LYS C 286 3.31 -21.66 -20.02
C LYS C 286 2.53 -21.10 -18.84
N GLY C 287 3.03 -21.34 -17.64
CA GLY C 287 2.36 -20.85 -16.46
C GLY C 287 3.29 -20.01 -15.58
N PRO C 288 2.79 -19.49 -14.45
CA PRO C 288 3.60 -18.68 -13.55
C PRO C 288 4.85 -19.42 -13.04
N SER C 289 5.98 -18.74 -13.07
CA SER C 289 7.24 -19.31 -12.61
C SER C 289 8.18 -18.12 -12.46
N PRO C 290 9.36 -18.33 -11.85
CA PRO C 290 10.26 -17.18 -11.71
C PRO C 290 10.58 -16.50 -13.04
N GLN C 291 10.76 -17.30 -14.09
CA GLN C 291 11.08 -16.73 -15.39
C GLN C 291 9.87 -16.04 -16.05
N THR C 292 8.73 -16.72 -16.10
CA THR C 292 7.55 -16.11 -16.72
C THR C 292 7.03 -14.91 -15.93
N ASN C 293 7.12 -14.97 -14.60
CA ASN C 293 6.66 -13.85 -13.79
C ASN C 293 7.54 -12.65 -14.12
N LYS C 294 8.83 -12.91 -14.28
CA LYS C 294 9.77 -11.83 -14.61
C LYS C 294 9.41 -11.24 -15.98
N GLU C 295 9.19 -12.13 -16.95
CA GLU C 295 8.86 -11.68 -18.30
C GLU C 295 7.57 -10.85 -18.29
N LEU C 296 6.58 -11.28 -17.52
CA LEU C 296 5.32 -10.54 -17.44
C LEU C 296 5.54 -9.12 -16.94
N GLY C 297 6.42 -8.96 -15.96
CA GLY C 297 6.70 -7.64 -15.43
C GLY C 297 7.31 -6.75 -16.49
N ASN C 298 8.24 -7.29 -17.27
CA ASN C 298 8.86 -6.52 -18.35
C ASN C 298 7.83 -6.17 -19.41
N PHE C 299 6.91 -7.09 -19.67
CA PHE C 299 5.86 -6.84 -20.65
C PHE C 299 5.05 -5.60 -20.26
N PHE C 300 4.59 -5.58 -19.02
CA PHE C 300 3.82 -4.42 -18.56
C PHE C 300 4.64 -3.13 -18.56
N ARG C 301 5.95 -3.24 -18.33
CA ARG C 301 6.78 -2.05 -18.34
C ARG C 301 6.94 -1.51 -19.76
N SER C 302 7.06 -2.41 -20.73
CA SER C 302 7.20 -2.01 -22.12
C SER C 302 5.89 -1.40 -22.60
N LEU C 303 4.79 -1.88 -22.06
CA LEU C 303 3.47 -1.38 -22.44
C LEU C 303 3.14 0.00 -21.85
N TRP C 304 3.37 0.19 -20.56
CA TRP C 304 3.00 1.46 -19.93
C TRP C 304 4.10 2.49 -19.67
N GLY C 305 5.35 2.05 -19.60
CA GLY C 305 6.41 3.02 -19.37
C GLY C 305 6.93 3.10 -17.94
N PRO C 306 7.64 4.20 -17.61
CA PRO C 306 8.24 4.49 -16.31
C PRO C 306 7.32 4.37 -15.08
N TYR C 307 6.03 4.55 -15.27
CA TYR C 307 5.08 4.45 -14.17
C TYR C 307 4.18 3.24 -14.30
N ALA C 308 4.71 2.19 -14.91
CA ALA C 308 3.96 0.95 -15.11
C ALA C 308 3.36 0.39 -13.82
N GLY C 309 4.06 0.57 -12.70
CA GLY C 309 3.55 0.08 -11.43
C GLY C 309 2.26 0.80 -11.07
N TRP C 310 2.21 2.09 -11.35
CA TRP C 310 1.03 2.87 -11.06
C TRP C 310 -0.14 2.42 -11.95
N ALA C 311 0.13 2.19 -13.24
CA ALA C 311 -0.93 1.75 -14.14
C ALA C 311 -1.47 0.41 -13.67
N GLN C 312 -0.56 -0.44 -13.18
CA GLN C 312 -0.91 -1.76 -12.66
C GLN C 312 -2.00 -1.64 -11.60
N ALA C 313 -1.82 -0.69 -10.69
CA ALA C 313 -2.75 -0.46 -9.61
C ALA C 313 -4.17 -0.14 -10.11
N VAL C 314 -4.26 0.56 -11.24
CA VAL C 314 -5.56 0.91 -11.80
C VAL C 314 -6.30 -0.34 -12.25
N LEU C 315 -5.63 -1.20 -13.01
CA LEU C 315 -6.29 -2.42 -13.49
C LEU C 315 -6.51 -3.41 -12.36
N PHE C 316 -5.55 -3.49 -11.43
CA PHE C 316 -5.66 -4.40 -10.27
C PHE C 316 -6.92 -4.00 -9.48
N SER C 317 -7.02 -2.71 -9.12
CA SER C 317 -8.17 -2.23 -8.37
C SER C 317 -9.46 -2.53 -9.11
N ALA C 318 -9.49 -2.24 -10.41
CA ALA C 318 -10.68 -2.50 -11.22
C ALA C 318 -10.94 -4.01 -11.33
N ASP C 319 -9.89 -4.82 -11.27
CA ASP C 319 -10.08 -6.28 -11.38
C ASP C 319 -10.60 -6.83 -10.05
N LEU C 320 -10.37 -6.08 -8.97
CA LEU C 320 -10.82 -6.49 -7.65
C LEU C 320 -12.34 -6.36 -7.60
N ARG C 321 -12.86 -5.30 -8.21
CA ARG C 321 -14.30 -5.06 -8.26
C ARG C 321 -14.96 -6.01 -9.26
N GLN C 322 -14.98 -7.29 -8.89
CA GLN C 322 -15.57 -8.30 -9.73
C GLN C 322 -15.42 -9.64 -9.07
#